data_6YLJ
#
_entry.id   6YLJ
#
_cell.length_a   68.160
_cell.length_b   68.160
_cell.length_c   178.864
_cell.angle_alpha   90.000
_cell.angle_beta   90.000
_cell.angle_gamma   90.000
#
_symmetry.space_group_name_H-M   'P 41 21 2'
#
loop_
_entity.id
_entity.type
_entity.pdbx_description
1 polymer 'Endochitinase 42'
2 branched 2-acetamido-2-deoxy-beta-D-glucopyranose-(1-4)-2-acetamido-2-deoxy-beta-D-glucopyranose-(1-4)-2-acetamido-2-deoxy-beta-D-glucopyranose-(1-4)-2-acetamido-2-deoxy-beta-D-glucopyranose-(1-4)-2-acetamido-2-deoxy-beta-D-glucopyranose-(1-4)-2-acetamido-2-deoxy-beta-D-glucopyranose
3 non-polymer 'ACETATE ION'
4 non-polymer 'ZINC ION'
5 water water
#
_entity_poly.entity_id   1
_entity_poly.type   'polypeptide(L)'
_entity_poly.pdbx_seq_one_letter_code
;MLSFLGKSVALLAALQATLSSPKPGHRRASVEKRANGYANSVYFTNWGIYDRNFQPADLVASDVTHVIYSFMNLQADGTV
ISGDTYADYEKHYADDSWNDVGTNAYGCVKQLFKVKKANRGLKVLLSIGGWTWSTNFPSAASTDANRKNFAKTAITFMKD
WGFDGIDIAWAYPADATQASNMILLLKEVRSQLDAYAAQYAPGYHFLLTIAAPAGKDNYSKLRLADLGQVLDYINLMAYD
YAGSFSPLTGHDANLFNNPSNPNATPFNTDSAVKDYINGGVPANKIVLGMPIYGRSFQNTAGIGQTYNGVGSGSWEAGIW
DYKALPKAGATVQYDSVAKGYYSYNSATKELISFDTPDMINTKVAYLKSLGLGGSMFWEASADKKGADSLIGTSHRALGG
LDTTQNLLSYPNSKYDNIKNGLN
;
_entity_poly.pdbx_strand_id   A
#
# COMPACT_ATOMS: atom_id res chain seq x y z
N ALA A 35 -10.68 -14.21 0.77
CA ALA A 35 -9.63 -14.54 1.79
C ALA A 35 -10.13 -15.63 2.74
N ASN A 36 -9.22 -16.46 3.25
CA ASN A 36 -9.53 -17.51 4.27
C ASN A 36 -8.73 -17.23 5.55
N GLY A 37 -8.32 -15.98 5.76
CA GLY A 37 -7.51 -15.56 6.93
C GLY A 37 -7.10 -14.10 6.81
N TYR A 38 -6.29 -13.60 7.74
CA TYR A 38 -5.87 -12.17 7.75
C TYR A 38 -4.91 -11.89 6.59
N ALA A 39 -5.02 -10.70 5.99
CA ALA A 39 -4.00 -10.17 5.08
C ALA A 39 -2.83 -9.63 5.92
N ASN A 40 -1.63 -9.83 5.43
CA ASN A 40 -0.41 -9.11 5.86
C ASN A 40 0.25 -8.61 4.59
N SER A 41 -0.10 -7.40 4.15
CA SER A 41 0.25 -6.93 2.79
CA SER A 41 0.21 -6.88 2.80
C SER A 41 1.33 -5.84 2.88
N VAL A 42 2.14 -5.74 1.85
CA VAL A 42 3.19 -4.69 1.83
C VAL A 42 3.24 -4.08 0.43
N TYR A 43 3.37 -2.77 0.39
CA TYR A 43 3.68 -2.03 -0.85
C TYR A 43 5.17 -2.21 -1.11
N PHE A 44 5.49 -2.63 -2.35
CA PHE A 44 6.87 -2.71 -2.90
C PHE A 44 6.97 -1.64 -3.99
N THR A 45 7.97 -0.77 -3.89
CA THR A 45 8.11 0.39 -4.81
C THR A 45 9.11 0.03 -5.91
N ASN A 46 8.80 0.36 -7.18
CA ASN A 46 9.71 0.02 -8.29
C ASN A 46 10.96 0.91 -8.21
N TRP A 47 10.87 2.10 -7.60
CA TRP A 47 12.05 3.03 -7.48
C TRP A 47 12.96 2.57 -6.34
N GLY A 48 12.52 1.63 -5.51
CA GLY A 48 13.36 1.12 -4.41
C GLY A 48 14.55 0.32 -4.93
N ILE A 49 14.53 -0.07 -6.21
CA ILE A 49 15.64 -0.90 -6.77
C ILE A 49 16.88 -0.05 -7.00
N TYR A 50 16.78 1.27 -6.88
CA TYR A 50 17.91 2.19 -7.17
C TYR A 50 18.69 2.48 -5.88
N ASP A 51 18.68 3.71 -5.39
CA ASP A 51 19.49 4.10 -4.21
C ASP A 51 19.20 3.20 -2.99
N ARG A 52 17.94 2.85 -2.75
CA ARG A 52 17.57 2.01 -1.58
C ARG A 52 18.07 0.56 -1.76
N ASN A 53 18.42 0.16 -2.99
CA ASN A 53 18.92 -1.19 -3.36
C ASN A 53 18.06 -2.26 -2.67
N PHE A 54 16.76 -2.18 -2.85
CA PHE A 54 15.83 -3.19 -2.33
C PHE A 54 15.12 -3.88 -3.49
N GLN A 55 15.57 -5.10 -3.80
CA GLN A 55 15.08 -5.86 -4.97
C GLN A 55 13.99 -6.82 -4.51
N PRO A 56 13.13 -7.34 -5.40
CA PRO A 56 12.08 -8.26 -4.96
C PRO A 56 12.61 -9.48 -4.17
N ALA A 57 13.82 -9.96 -4.47
CA ALA A 57 14.38 -11.13 -3.75
C ALA A 57 14.73 -10.77 -2.31
N ASP A 58 14.78 -9.47 -1.98
CA ASP A 58 15.07 -8.97 -0.61
C ASP A 58 13.79 -9.03 0.25
N LEU A 59 12.61 -9.17 -0.36
CA LEU A 59 11.35 -9.29 0.42
C LEU A 59 11.44 -10.55 1.27
N VAL A 60 11.06 -10.43 2.55
CA VAL A 60 10.90 -11.62 3.42
C VAL A 60 9.49 -12.16 3.14
N ALA A 61 9.41 -12.94 2.05
CA ALA A 61 8.14 -13.31 1.38
C ALA A 61 7.30 -14.23 2.27
N SER A 62 7.94 -15.01 3.14
CA SER A 62 7.23 -15.93 4.08
C SER A 62 6.25 -15.16 4.96
N ASP A 63 6.44 -13.86 5.17
CA ASP A 63 5.60 -13.07 6.10
C ASP A 63 4.43 -12.40 5.39
N VAL A 64 4.32 -12.49 4.06
CA VAL A 64 3.49 -11.56 3.25
C VAL A 64 2.41 -12.33 2.50
N THR A 65 1.15 -11.91 2.57
CA THR A 65 0.04 -12.52 1.79
C THR A 65 -0.14 -11.80 0.46
N HIS A 66 0.15 -10.50 0.43
CA HIS A 66 -0.02 -9.65 -0.78
C HIS A 66 1.17 -8.70 -0.90
N VAL A 67 1.77 -8.66 -2.07
CA VAL A 67 2.74 -7.60 -2.43
C VAL A 67 2.05 -6.66 -3.40
N ILE A 68 2.02 -5.37 -3.09
CA ILE A 68 1.33 -4.36 -3.92
C ILE A 68 2.42 -3.56 -4.62
N TYR A 69 2.58 -3.86 -5.91
CA TYR A 69 3.67 -3.32 -6.75
C TYR A 69 3.29 -1.91 -7.18
N SER A 70 4.12 -0.94 -6.80
CA SER A 70 3.82 0.51 -6.88
C SER A 70 4.91 1.26 -7.65
N PHE A 71 4.56 2.24 -8.52
CA PHE A 71 3.24 2.53 -9.04
C PHE A 71 3.30 2.58 -10.57
N MET A 72 2.17 2.29 -11.20
CA MET A 72 1.94 2.65 -12.62
C MET A 72 1.44 4.09 -12.69
N ASN A 73 1.77 4.77 -13.79
CA ASN A 73 1.30 6.13 -14.05
C ASN A 73 0.03 6.04 -14.89
N LEU A 74 -0.60 7.18 -15.15
CA LEU A 74 -1.93 7.26 -15.74
C LEU A 74 -2.01 8.51 -16.62
N GLN A 75 -2.61 8.39 -17.80
CA GLN A 75 -2.86 9.55 -18.70
C GLN A 75 -4.33 9.99 -18.58
N ALA A 76 -4.61 11.22 -18.98
CA ALA A 76 -5.95 11.85 -18.86
C ALA A 76 -7.03 11.03 -19.60
N ASP A 77 -6.65 10.26 -20.62
CA ASP A 77 -7.61 9.47 -21.45
C ASP A 77 -7.80 8.07 -20.86
N GLY A 78 -7.29 7.84 -19.64
CA GLY A 78 -7.47 6.56 -18.93
C GLY A 78 -6.32 5.61 -19.17
N THR A 79 -5.35 5.94 -20.03
CA THR A 79 -4.28 4.99 -20.38
C THR A 79 -3.38 4.78 -19.15
N VAL A 80 -3.30 3.56 -18.67
CA VAL A 80 -2.33 3.14 -17.63
C VAL A 80 -1.00 2.85 -18.33
N ILE A 81 0.10 3.39 -17.81
CA ILE A 81 1.44 3.22 -18.44
C ILE A 81 2.43 2.84 -17.36
N SER A 82 3.52 2.19 -17.77
CA SER A 82 4.68 2.00 -16.88
C SER A 82 5.35 3.35 -16.64
N GLY A 83 5.70 3.67 -15.41
CA GLY A 83 6.50 4.87 -15.10
C GLY A 83 7.99 4.59 -15.19
N ASP A 84 8.37 3.33 -15.43
CA ASP A 84 9.79 2.91 -15.43
C ASP A 84 9.89 1.52 -16.05
N THR A 85 10.06 1.45 -17.37
CA THR A 85 10.06 0.14 -18.08
C THR A 85 11.31 -0.64 -17.67
N TYR A 86 12.41 0.03 -17.39
CA TYR A 86 13.65 -0.64 -16.92
C TYR A 86 13.38 -1.39 -15.61
N ALA A 87 12.87 -0.69 -14.59
CA ALA A 87 12.56 -1.29 -13.29
C ALA A 87 11.51 -2.39 -13.46
N ASP A 88 10.50 -2.15 -14.31
CA ASP A 88 9.33 -3.05 -14.39
C ASP A 88 9.72 -4.35 -15.10
N TYR A 89 10.34 -4.31 -16.27
CA TYR A 89 10.48 -5.56 -17.05
C TYR A 89 11.76 -5.61 -17.90
N GLU A 90 12.69 -4.68 -17.79
CA GLU A 90 13.90 -4.72 -18.66
C GLU A 90 15.17 -5.07 -17.87
N LYS A 91 15.31 -4.65 -16.62
CA LYS A 91 16.55 -4.87 -15.85
C LYS A 91 16.90 -6.36 -15.83
N HIS A 92 18.12 -6.72 -16.22
CA HIS A 92 18.59 -8.12 -16.13
C HIS A 92 19.31 -8.30 -14.81
N TYR A 93 18.79 -9.18 -13.96
CA TYR A 93 19.45 -9.62 -12.71
C TYR A 93 20.51 -10.69 -13.03
N ALA A 94 21.19 -11.17 -12.00
CA ALA A 94 22.37 -12.05 -12.14
C ALA A 94 22.03 -13.32 -12.92
N ASP A 95 20.84 -13.90 -12.73
CA ASP A 95 20.44 -15.16 -13.40
C ASP A 95 19.63 -14.90 -14.69
N ASP A 96 19.56 -13.64 -15.16
CA ASP A 96 18.82 -13.27 -16.40
C ASP A 96 19.76 -13.23 -17.60
N SER A 97 19.51 -14.12 -18.57
CA SER A 97 20.40 -14.33 -19.76
C SER A 97 19.91 -13.50 -20.96
N TRP A 98 20.80 -12.77 -21.65
CA TRP A 98 20.47 -12.11 -22.94
C TRP A 98 20.38 -13.15 -24.08
N ASN A 99 20.65 -14.43 -23.81
CA ASN A 99 20.52 -15.53 -24.80
C ASN A 99 19.15 -16.23 -24.73
N ASP A 100 18.22 -15.75 -23.92
CA ASP A 100 16.81 -16.24 -23.98
C ASP A 100 16.28 -15.95 -25.39
N VAL A 101 15.45 -16.83 -25.93
CA VAL A 101 14.81 -16.62 -27.26
C VAL A 101 13.42 -16.00 -27.04
N GLY A 102 13.04 -15.15 -27.97
CA GLY A 102 11.69 -14.57 -28.05
C GLY A 102 11.58 -13.33 -27.21
N THR A 103 10.35 -12.99 -26.83
CA THR A 103 10.02 -11.77 -26.07
C THR A 103 9.84 -12.19 -24.62
N ASN A 104 10.67 -11.67 -23.73
CA ASN A 104 10.65 -12.14 -22.32
C ASN A 104 10.57 -10.96 -21.37
N ALA A 105 10.01 -11.16 -20.17
CA ALA A 105 9.98 -10.16 -19.09
C ALA A 105 11.13 -10.39 -18.12
N TYR A 106 11.79 -9.31 -17.74
CA TYR A 106 12.81 -9.34 -16.67
C TYR A 106 12.38 -8.34 -15.61
N GLY A 107 13.30 -7.50 -15.17
CA GLY A 107 13.02 -6.48 -14.15
C GLY A 107 12.32 -7.05 -12.93
N CYS A 108 11.54 -6.21 -12.24
CA CYS A 108 10.81 -6.65 -11.02
C CYS A 108 9.73 -7.67 -11.38
N VAL A 109 9.18 -7.64 -12.60
CA VAL A 109 8.11 -8.58 -13.03
C VAL A 109 8.61 -10.02 -12.94
N LYS A 110 9.75 -10.34 -13.55
CA LYS A 110 10.26 -11.73 -13.44
C LYS A 110 10.62 -12.02 -11.98
N GLN A 111 11.25 -11.08 -11.28
CA GLN A 111 11.70 -11.34 -9.89
C GLN A 111 10.49 -11.62 -9.00
N LEU A 112 9.40 -10.89 -9.20
CA LEU A 112 8.18 -11.13 -8.40
C LEU A 112 7.52 -12.44 -8.81
N PHE A 113 7.60 -12.84 -10.08
CA PHE A 113 7.04 -14.14 -10.50
C PHE A 113 7.81 -15.26 -9.81
N LYS A 114 9.13 -15.10 -9.65
CA LYS A 114 9.95 -16.08 -8.90
C LYS A 114 9.44 -16.16 -7.45
N VAL A 115 9.16 -15.01 -6.85
CA VAL A 115 8.64 -14.94 -5.46
C VAL A 115 7.30 -15.68 -5.41
N LYS A 116 6.41 -15.47 -6.40
CA LYS A 116 5.09 -16.14 -6.42
C LYS A 116 5.26 -17.66 -6.52
N LYS A 117 6.20 -18.14 -7.33
CA LYS A 117 6.45 -19.58 -7.47
C LYS A 117 6.86 -20.16 -6.12
N ALA A 118 7.69 -19.43 -5.37
CA ALA A 118 8.31 -19.91 -4.12
C ALA A 118 7.37 -19.69 -2.94
N ASN A 119 6.29 -18.93 -3.15
CA ASN A 119 5.35 -18.55 -2.07
C ASN A 119 3.92 -18.57 -2.63
N ARG A 120 3.31 -19.75 -2.68
CA ARG A 120 2.03 -19.91 -3.41
C ARG A 120 0.87 -19.17 -2.72
N GLY A 121 1.02 -18.79 -1.45
CA GLY A 121 0.05 -17.95 -0.72
C GLY A 121 0.25 -16.45 -0.93
N LEU A 122 1.21 -16.04 -1.76
CA LEU A 122 1.56 -14.61 -1.93
C LEU A 122 1.00 -14.15 -3.27
N LYS A 123 0.15 -13.13 -3.22
CA LYS A 123 -0.50 -12.53 -4.41
C LYS A 123 0.16 -11.20 -4.71
N VAL A 124 0.41 -10.89 -5.97
CA VAL A 124 1.00 -9.60 -6.39
C VAL A 124 -0.06 -8.77 -7.08
N LEU A 125 -0.27 -7.52 -6.60
CA LEU A 125 -1.28 -6.60 -7.14
C LEU A 125 -0.53 -5.48 -7.85
N LEU A 126 -1.11 -5.01 -8.94
CA LEU A 126 -0.60 -3.86 -9.71
C LEU A 126 -1.22 -2.59 -9.14
N SER A 127 -0.44 -1.65 -8.56
CA SER A 127 -0.99 -0.41 -7.98
C SER A 127 -0.82 0.73 -8.98
N ILE A 128 -1.90 1.50 -9.17
CA ILE A 128 -1.93 2.58 -10.20
C ILE A 128 -2.21 3.90 -9.50
N GLY A 129 -1.37 4.89 -9.74
CA GLY A 129 -1.57 6.25 -9.20
C GLY A 129 -0.55 6.55 -8.13
N GLY A 130 -1.03 6.75 -6.91
CA GLY A 130 -0.19 7.19 -5.78
C GLY A 130 -0.23 8.69 -5.63
N TRP A 131 0.46 9.19 -4.62
CA TRP A 131 0.35 10.61 -4.22
C TRP A 131 0.73 11.53 -5.38
N THR A 132 1.79 11.22 -6.10
CA THR A 132 2.37 12.13 -7.12
C THR A 132 1.70 11.94 -8.47
N TRP A 133 0.95 10.85 -8.69
CA TRP A 133 0.38 10.53 -10.03
C TRP A 133 -1.13 10.35 -9.97
N SER A 134 -1.83 11.23 -9.25
CA SER A 134 -3.30 11.12 -9.10
C SER A 134 -4.02 12.22 -9.89
N THR A 135 -3.29 13.14 -10.54
N THR A 135 -3.28 13.13 -10.54
CA THR A 135 -3.90 14.33 -11.20
CA THR A 135 -3.87 14.33 -11.19
C THR A 135 -4.82 13.89 -12.35
C THR A 135 -4.79 13.91 -12.34
N ASN A 136 -4.51 12.79 -13.03
CA ASN A 136 -5.29 12.35 -14.22
C ASN A 136 -6.46 11.44 -13.85
N PHE A 137 -6.65 11.05 -12.59
CA PHE A 137 -7.77 10.11 -12.27
C PHE A 137 -9.13 10.71 -12.60
N PRO A 138 -9.45 11.96 -12.24
CA PRO A 138 -10.79 12.49 -12.53
C PRO A 138 -11.13 12.35 -14.01
N SER A 139 -10.19 12.71 -14.89
CA SER A 139 -10.39 12.61 -16.36
C SER A 139 -10.51 11.13 -16.79
N ALA A 140 -9.65 10.28 -16.25
CA ALA A 140 -9.58 8.84 -16.57
C ALA A 140 -10.91 8.16 -16.22
N ALA A 141 -11.59 8.61 -15.17
CA ALA A 141 -12.83 7.97 -14.68
C ALA A 141 -14.07 8.62 -15.29
N SER A 142 -13.90 9.69 -16.08
CA SER A 142 -14.98 10.67 -16.40
C SER A 142 -15.92 10.19 -17.51
N THR A 143 -15.50 9.26 -18.36
CA THR A 143 -16.34 8.77 -19.49
C THR A 143 -16.27 7.25 -19.59
N ASP A 144 -17.29 6.67 -20.22
CA ASP A 144 -17.32 5.20 -20.44
C ASP A 144 -16.07 4.81 -21.22
N ALA A 145 -15.73 5.59 -22.25
CA ALA A 145 -14.58 5.29 -23.13
C ALA A 145 -13.28 5.31 -22.31
N ASN A 146 -13.09 6.32 -21.48
CA ASN A 146 -11.84 6.44 -20.69
C ASN A 146 -11.77 5.29 -19.66
N ARG A 147 -12.90 4.96 -19.02
CA ARG A 147 -12.96 3.87 -18.01
C ARG A 147 -12.63 2.52 -18.68
N LYS A 148 -13.19 2.25 -19.84
CA LYS A 148 -12.91 1.02 -20.59
C LYS A 148 -11.42 0.95 -20.96
N ASN A 149 -10.83 2.07 -21.32
CA ASN A 149 -9.38 2.15 -21.68
C ASN A 149 -8.52 1.96 -20.42
N PHE A 150 -8.92 2.52 -19.29
CA PHE A 150 -8.22 2.29 -18.01
C PHE A 150 -8.21 0.80 -17.67
N ALA A 151 -9.39 0.16 -17.66
CA ALA A 151 -9.53 -1.26 -17.31
C ALA A 151 -8.75 -2.12 -18.30
N LYS A 152 -8.87 -1.86 -19.60
CA LYS A 152 -8.18 -2.73 -20.59
C LYS A 152 -6.66 -2.60 -20.42
N THR A 153 -6.13 -1.38 -20.31
CA THR A 153 -4.65 -1.17 -20.24
C THR A 153 -4.12 -1.70 -18.91
N ALA A 154 -4.85 -1.54 -17.82
CA ALA A 154 -4.43 -2.04 -16.50
C ALA A 154 -4.39 -3.57 -16.53
N ILE A 155 -5.45 -4.18 -17.02
CA ILE A 155 -5.55 -5.66 -17.06
C ILE A 155 -4.50 -6.22 -18.03
N THR A 156 -4.16 -5.51 -19.10
CA THR A 156 -3.12 -5.96 -20.05
C THR A 156 -1.79 -6.13 -19.29
N PHE A 157 -1.38 -5.14 -18.51
CA PHE A 157 -0.16 -5.25 -17.69
C PHE A 157 -0.32 -6.42 -16.71
N MET A 158 -1.46 -6.51 -16.01
CA MET A 158 -1.64 -7.54 -14.98
C MET A 158 -1.42 -8.92 -15.60
N LYS A 159 -2.07 -9.20 -16.73
CA LYS A 159 -2.04 -10.55 -17.34
C LYS A 159 -0.72 -10.78 -18.10
N ASP A 160 -0.03 -9.76 -18.59
CA ASP A 160 1.28 -9.95 -19.26
C ASP A 160 2.35 -10.21 -18.20
N TRP A 161 2.24 -9.53 -17.06
CA TRP A 161 3.26 -9.56 -15.99
C TRP A 161 3.02 -10.72 -15.03
N GLY A 162 1.88 -11.38 -15.10
CA GLY A 162 1.61 -12.55 -14.25
C GLY A 162 1.21 -12.14 -12.83
N PHE A 163 0.42 -11.08 -12.70
CA PHE A 163 -0.06 -10.57 -11.39
C PHE A 163 -1.48 -11.09 -11.08
N ASP A 164 -1.91 -10.89 -9.84
CA ASP A 164 -3.16 -11.48 -9.28
C ASP A 164 -4.28 -10.45 -9.10
N GLY A 165 -4.03 -9.18 -9.40
CA GLY A 165 -5.08 -8.17 -9.25
C GLY A 165 -4.55 -6.78 -9.40
N ILE A 166 -5.40 -5.81 -9.06
CA ILE A 166 -5.16 -4.37 -9.31
C ILE A 166 -5.52 -3.60 -8.05
N ASP A 167 -4.68 -2.63 -7.68
CA ASP A 167 -4.92 -1.69 -6.57
C ASP A 167 -5.01 -0.29 -7.16
N ILE A 168 -6.12 0.40 -6.91
CA ILE A 168 -6.32 1.79 -7.40
C ILE A 168 -5.93 2.72 -6.26
N ALA A 169 -4.94 3.57 -6.48
CA ALA A 169 -4.45 4.54 -5.48
C ALA A 169 -4.70 5.94 -6.02
N TRP A 170 -5.97 6.34 -6.00
CA TRP A 170 -6.41 7.71 -6.38
C TRP A 170 -6.43 8.56 -5.11
N ALA A 171 -5.50 9.50 -5.03
CA ALA A 171 -5.37 10.44 -3.89
C ALA A 171 -5.75 11.86 -4.33
N TYR A 172 -7.01 12.30 -4.19
CA TYR A 172 -8.17 11.56 -3.73
C TYR A 172 -9.38 12.12 -4.46
N PRO A 173 -10.49 11.35 -4.62
CA PRO A 173 -11.71 11.91 -5.19
C PRO A 173 -12.16 13.14 -4.40
N ALA A 174 -12.49 14.21 -5.12
CA ALA A 174 -12.57 15.58 -4.55
C ALA A 174 -14.03 16.09 -4.48
N ASP A 175 -14.96 15.44 -5.18
CA ASP A 175 -16.39 15.83 -5.20
C ASP A 175 -17.26 14.61 -5.49
N ALA A 176 -18.58 14.81 -5.55
CA ALA A 176 -19.57 13.74 -5.80
C ALA A 176 -19.42 13.15 -7.22
N THR A 177 -19.15 13.98 -8.23
CA THR A 177 -18.94 13.48 -9.61
C THR A 177 -17.77 12.50 -9.62
N GLN A 178 -16.65 12.89 -9.02
CA GLN A 178 -15.43 12.05 -9.00
C GLN A 178 -15.72 10.78 -8.19
N ALA A 179 -16.41 10.93 -7.06
CA ALA A 179 -16.70 9.79 -6.16
C ALA A 179 -17.56 8.77 -6.89
N SER A 180 -18.58 9.21 -7.61
CA SER A 180 -19.46 8.25 -8.32
C SER A 180 -18.73 7.71 -9.56
N ASN A 181 -17.91 8.53 -10.24
CA ASN A 181 -17.12 8.03 -11.39
C ASN A 181 -16.11 7.00 -10.91
N MET A 182 -15.56 7.16 -9.70
CA MET A 182 -14.66 6.13 -9.11
C MET A 182 -15.40 4.80 -9.04
N ILE A 183 -16.68 4.77 -8.65
CA ILE A 183 -17.43 3.48 -8.58
C ILE A 183 -17.60 2.92 -9.99
N LEU A 184 -17.96 3.74 -10.96
CA LEU A 184 -18.12 3.28 -12.36
C LEU A 184 -16.81 2.70 -12.88
N LEU A 185 -15.67 3.32 -12.53
CA LEU A 185 -14.33 2.81 -12.95
C LEU A 185 -14.09 1.44 -12.32
N LEU A 186 -14.32 1.30 -11.02
CA LEU A 186 -14.11 0.02 -10.29
C LEU A 186 -15.02 -1.07 -10.87
N LYS A 187 -16.26 -0.75 -11.21
CA LYS A 187 -17.20 -1.75 -11.79
C LYS A 187 -16.72 -2.19 -13.18
N GLU A 188 -16.18 -1.27 -13.98
CA GLU A 188 -15.61 -1.60 -15.29
C GLU A 188 -14.39 -2.50 -15.11
N VAL A 189 -13.50 -2.22 -14.16
CA VAL A 189 -12.33 -3.09 -13.90
C VAL A 189 -12.82 -4.45 -13.45
N ARG A 190 -13.78 -4.52 -12.53
CA ARG A 190 -14.29 -5.81 -12.01
C ARG A 190 -14.86 -6.65 -13.16
N SER A 191 -15.68 -6.03 -14.00
CA SER A 191 -16.31 -6.69 -15.16
CA SER A 191 -16.31 -6.69 -15.16
C SER A 191 -15.26 -7.27 -16.11
N GLN A 192 -14.25 -6.46 -16.47
CA GLN A 192 -13.18 -6.90 -17.40
C GLN A 192 -12.31 -7.96 -16.74
N LEU A 193 -12.07 -7.89 -15.43
CA LEU A 193 -11.30 -8.95 -14.72
C LEU A 193 -12.05 -10.27 -14.79
N ASP A 194 -13.36 -10.23 -14.58
CA ASP A 194 -14.17 -11.48 -14.57
C ASP A 194 -14.16 -12.09 -15.97
N ALA A 195 -14.26 -11.26 -17.00
CA ALA A 195 -14.31 -11.72 -18.41
C ALA A 195 -12.95 -12.29 -18.78
N TYR A 196 -11.89 -11.67 -18.28
CA TYR A 196 -10.51 -12.15 -18.53
CA TYR A 196 -10.51 -12.15 -18.49
C TYR A 196 -10.36 -13.55 -17.91
N ALA A 197 -10.76 -13.70 -16.64
CA ALA A 197 -10.65 -15.00 -15.93
C ALA A 197 -11.47 -16.05 -16.68
N ALA A 198 -12.69 -15.69 -17.09
CA ALA A 198 -13.57 -16.66 -17.80
C ALA A 198 -12.84 -17.25 -19.01
N GLN A 199 -12.01 -16.47 -19.70
CA GLN A 199 -11.33 -16.94 -20.93
C GLN A 199 -9.97 -17.59 -20.62
N TYR A 200 -9.18 -17.02 -19.70
CA TYR A 200 -7.73 -17.32 -19.58
C TYR A 200 -7.32 -17.78 -18.18
N ALA A 201 -8.23 -17.81 -17.20
CA ALA A 201 -7.94 -18.35 -15.85
C ALA A 201 -9.24 -18.78 -15.19
N PRO A 202 -9.96 -19.75 -15.78
CA PRO A 202 -11.32 -20.05 -15.33
C PRO A 202 -11.32 -20.39 -13.84
N GLY A 203 -12.23 -19.76 -13.10
CA GLY A 203 -12.41 -20.04 -11.66
C GLY A 203 -11.48 -19.21 -10.78
N TYR A 204 -10.47 -18.54 -11.35
CA TYR A 204 -9.57 -17.67 -10.55
C TYR A 204 -10.24 -16.34 -10.29
N HIS A 205 -10.18 -15.86 -9.05
CA HIS A 205 -10.71 -14.53 -8.65
C HIS A 205 -9.58 -13.53 -8.56
N PHE A 206 -9.43 -12.69 -9.60
CA PHE A 206 -8.47 -11.56 -9.58
C PHE A 206 -8.97 -10.55 -8.57
N LEU A 207 -8.05 -10.03 -7.78
CA LEU A 207 -8.38 -9.11 -6.66
C LEU A 207 -8.46 -7.67 -7.16
N LEU A 208 -9.37 -6.90 -6.54
CA LEU A 208 -9.51 -5.46 -6.83
C LEU A 208 -9.54 -4.71 -5.50
N THR A 209 -8.61 -3.78 -5.31
CA THR A 209 -8.43 -3.08 -4.02
C THR A 209 -8.29 -1.59 -4.31
N ILE A 210 -8.37 -0.77 -3.27
CA ILE A 210 -8.00 0.66 -3.34
C ILE A 210 -7.14 0.99 -2.13
N ALA A 211 -6.34 2.03 -2.30
CA ALA A 211 -5.69 2.76 -1.20
C ALA A 211 -6.65 3.87 -0.76
N ALA A 212 -7.09 3.89 0.49
CA ALA A 212 -8.19 4.75 0.94
C ALA A 212 -7.73 5.75 1.98
N PRO A 213 -8.28 6.98 1.94
CA PRO A 213 -7.86 8.04 2.85
C PRO A 213 -8.41 7.88 4.27
N ALA A 214 -7.60 8.24 5.26
CA ALA A 214 -7.99 8.20 6.69
C ALA A 214 -8.57 9.53 7.18
N GLY A 215 -8.43 10.62 6.41
CA GLY A 215 -8.96 11.95 6.79
C GLY A 215 -10.40 12.09 6.36
N LYS A 216 -11.28 12.47 7.29
CA LYS A 216 -12.73 12.62 7.04
C LYS A 216 -13.02 13.59 5.89
N ASP A 217 -12.20 14.64 5.71
CA ASP A 217 -12.36 15.63 4.61
C ASP A 217 -12.37 14.89 3.26
N ASN A 218 -11.59 13.81 3.15
CA ASN A 218 -11.50 12.99 1.92
C ASN A 218 -12.52 11.87 1.96
N TYR A 219 -12.59 11.09 3.04
CA TYR A 219 -13.40 9.84 3.00
C TYR A 219 -14.90 10.18 3.02
N SER A 220 -15.29 11.33 3.55
CA SER A 220 -16.72 11.73 3.58
C SER A 220 -17.26 11.89 2.16
N LYS A 221 -16.39 12.07 1.17
CA LYS A 221 -16.77 12.29 -0.25
C LYS A 221 -16.97 10.95 -0.96
N LEU A 222 -16.46 9.85 -0.41
CA LEU A 222 -16.45 8.55 -1.11
C LEU A 222 -17.84 7.89 -1.05
N ARG A 223 -18.13 7.06 -2.04
CA ARG A 223 -19.32 6.19 -2.06
C ARG A 223 -19.00 4.92 -1.27
N LEU A 224 -19.00 5.02 0.07
CA LEU A 224 -18.45 3.96 0.93
C LEU A 224 -19.23 2.66 0.72
N ALA A 225 -20.55 2.71 0.64
CA ALA A 225 -21.37 1.48 0.51
C ALA A 225 -21.02 0.80 -0.82
N ASP A 226 -20.87 1.57 -1.89
CA ASP A 226 -20.50 1.03 -3.23
C ASP A 226 -19.11 0.39 -3.14
N LEU A 227 -18.15 1.01 -2.47
CA LEU A 227 -16.77 0.44 -2.33
C LEU A 227 -16.86 -0.88 -1.57
N GLY A 228 -17.68 -0.90 -0.52
CA GLY A 228 -17.90 -2.10 0.32
C GLY A 228 -18.42 -3.28 -0.48
N GLN A 229 -19.18 -3.02 -1.54
CA GLN A 229 -19.77 -4.09 -2.37
C GLN A 229 -18.79 -4.53 -3.47
N VAL A 230 -18.13 -3.61 -4.16
CA VAL A 230 -17.38 -3.94 -5.41
C VAL A 230 -15.97 -4.48 -5.09
N LEU A 231 -15.34 -4.04 -4.00
CA LEU A 231 -13.89 -4.31 -3.75
C LEU A 231 -13.68 -5.60 -2.95
N ASP A 232 -12.50 -6.18 -3.11
CA ASP A 232 -12.01 -7.25 -2.21
C ASP A 232 -11.47 -6.62 -0.93
N TYR A 233 -10.69 -5.55 -1.05
CA TYR A 233 -10.05 -4.90 0.12
C TYR A 233 -9.98 -3.39 -0.06
N ILE A 234 -10.05 -2.71 1.07
CA ILE A 234 -9.76 -1.26 1.22
C ILE A 234 -8.49 -1.18 2.08
N ASN A 235 -7.41 -0.71 1.48
CA ASN A 235 -6.12 -0.50 2.18
C ASN A 235 -6.22 0.88 2.85
N LEU A 236 -6.54 0.91 4.14
CA LEU A 236 -6.77 2.21 4.81
C LEU A 236 -5.41 2.83 5.15
N MET A 237 -5.12 4.00 4.60
CA MET A 237 -3.80 4.66 4.80
C MET A 237 -3.83 5.43 6.13
N ALA A 238 -3.80 4.66 7.21
CA ALA A 238 -3.96 5.16 8.59
C ALA A 238 -2.62 5.71 9.08
N TYR A 239 -2.10 6.72 8.37
CA TYR A 239 -0.80 7.36 8.66
C TYR A 239 -0.78 8.73 7.96
N ASP A 240 0.33 9.47 8.11
CA ASP A 240 0.50 10.83 7.54
C ASP A 240 -0.49 11.79 8.20
N TYR A 241 -0.69 11.62 9.50
CA TYR A 241 -1.62 12.48 10.29
C TYR A 241 -0.92 13.80 10.64
N ALA A 242 0.40 13.80 10.73
CA ALA A 242 1.18 14.99 11.10
C ALA A 242 2.53 15.02 10.37
N GLY A 243 2.91 16.20 9.88
CA GLY A 243 4.24 16.45 9.30
C GLY A 243 4.39 17.92 8.97
N SER A 244 5.10 18.22 7.88
CA SER A 244 5.45 19.60 7.48
C SER A 244 4.18 20.41 7.15
N PHE A 245 3.08 19.73 6.85
CA PHE A 245 1.75 20.30 6.48
C PHE A 245 0.98 20.70 7.74
N SER A 246 1.51 20.40 8.92
CA SER A 246 0.87 20.60 10.24
C SER A 246 1.29 21.94 10.82
N PRO A 247 0.42 22.67 11.55
CA PRO A 247 0.85 23.86 12.27
C PRO A 247 1.73 23.49 13.47
N LEU A 248 1.50 22.30 14.04
CA LEU A 248 2.15 21.84 15.29
C LEU A 248 2.62 20.39 15.09
N THR A 249 3.57 19.93 15.90
CA THR A 249 4.04 18.52 15.86
C THR A 249 2.87 17.62 16.25
N GLY A 250 2.94 16.34 15.91
CA GLY A 250 1.86 15.38 16.22
C GLY A 250 2.23 13.94 15.88
N HIS A 251 1.48 13.00 16.43
CA HIS A 251 1.62 11.55 16.13
C HIS A 251 1.26 11.28 14.66
N ASP A 252 2.02 10.43 13.96
CA ASP A 252 1.80 10.21 12.50
C ASP A 252 0.67 9.20 12.26
N ALA A 253 0.41 8.27 13.20
CA ALA A 253 -0.37 7.05 12.93
C ALA A 253 -1.04 6.52 14.20
N ASN A 254 -1.42 7.41 15.12
CA ASN A 254 -2.00 7.00 16.41
C ASN A 254 -3.40 6.41 16.23
N LEU A 255 -3.79 5.52 17.14
CA LEU A 255 -5.12 4.87 17.11
C LEU A 255 -6.20 5.82 17.60
N PHE A 256 -5.95 6.55 18.70
CA PHE A 256 -7.02 7.28 19.43
C PHE A 256 -6.69 8.75 19.64
N ASN A 257 -7.74 9.52 19.85
CA ASN A 257 -7.63 10.93 20.27
C ASN A 257 -7.02 10.94 21.68
N ASN A 258 -6.26 11.99 22.00
CA ASN A 258 -5.69 12.23 23.35
C ASN A 258 -6.31 13.53 23.86
N PRO A 259 -7.45 13.47 24.59
CA PRO A 259 -8.18 14.68 24.95
C PRO A 259 -7.40 15.56 25.93
N SER A 260 -6.39 15.00 26.60
CA SER A 260 -5.51 15.73 27.55
C SER A 260 -4.29 16.33 26.81
N ASN A 261 -4.16 16.14 25.48
CA ASN A 261 -3.11 16.80 24.64
C ASN A 261 -3.55 16.75 23.19
N PRO A 262 -4.70 17.38 22.82
CA PRO A 262 -5.32 17.12 21.54
C PRO A 262 -4.48 17.59 20.34
N ASN A 263 -3.56 18.54 20.59
CA ASN A 263 -2.65 19.07 19.55
C ASN A 263 -1.72 17.96 19.04
N ALA A 264 -1.45 16.93 19.86
CA ALA A 264 -0.62 15.77 19.50
C ALA A 264 -1.38 14.78 18.59
N THR A 265 -2.71 14.87 18.58
CA THR A 265 -3.60 13.93 17.84
C THR A 265 -4.58 14.71 16.97
N PRO A 266 -4.09 15.41 15.93
CA PRO A 266 -4.99 16.08 15.00
C PRO A 266 -5.93 15.09 14.29
N PHE A 267 -5.51 13.83 14.16
CA PHE A 267 -6.32 12.72 13.61
C PHE A 267 -6.17 11.52 14.50
N ASN A 268 -7.05 10.54 14.31
CA ASN A 268 -6.92 9.21 14.95
C ASN A 268 -7.55 8.19 14.02
N THR A 269 -7.02 6.99 14.04
CA THR A 269 -7.44 5.89 13.14
C THR A 269 -8.86 5.45 13.50
N ASP A 270 -9.15 5.33 14.79
CA ASP A 270 -10.41 4.72 15.27
C ASP A 270 -11.63 5.43 14.67
N SER A 271 -11.63 6.77 14.59
CA SER A 271 -12.79 7.53 14.06
C SER A 271 -12.99 7.17 12.58
N ALA A 272 -11.89 7.00 11.84
CA ALA A 272 -11.93 6.66 10.40
C ALA A 272 -12.47 5.25 10.21
N VAL A 273 -11.93 4.30 10.96
CA VAL A 273 -12.36 2.88 10.85
C VAL A 273 -13.86 2.79 11.09
N LYS A 274 -14.37 3.41 12.15
N LYS A 274 -14.37 3.41 12.16
CA LYS A 274 -15.82 3.32 12.50
CA LYS A 274 -15.81 3.33 12.52
C LYS A 274 -16.66 3.94 11.38
C LYS A 274 -16.67 3.95 11.40
N ASP A 275 -16.23 5.06 10.81
CA ASP A 275 -16.97 5.73 9.71
C ASP A 275 -16.96 4.86 8.47
N TYR A 276 -15.86 4.17 8.16
CA TYR A 276 -15.84 3.29 6.97
C TYR A 276 -16.83 2.14 7.17
N ILE A 277 -16.82 1.51 8.34
CA ILE A 277 -17.70 0.33 8.58
C ILE A 277 -19.16 0.79 8.58
N ASN A 278 -19.45 1.86 9.33
CA ASN A 278 -20.85 2.33 9.46
C ASN A 278 -21.35 2.86 8.12
N GLY A 279 -20.44 3.34 7.26
CA GLY A 279 -20.81 3.82 5.92
C GLY A 279 -21.04 2.69 4.93
N GLY A 280 -20.77 1.45 5.31
CA GLY A 280 -21.10 0.29 4.46
C GLY A 280 -19.91 -0.50 3.95
N VAL A 281 -18.70 -0.27 4.47
CA VAL A 281 -17.58 -1.19 4.14
C VAL A 281 -17.51 -2.27 5.21
N PRO A 282 -17.74 -3.55 4.87
CA PRO A 282 -17.62 -4.63 5.85
C PRO A 282 -16.24 -4.62 6.52
N ALA A 283 -16.21 -4.76 7.84
CA ALA A 283 -14.98 -4.71 8.65
C ALA A 283 -13.90 -5.60 8.03
N ASN A 284 -14.25 -6.80 7.57
CA ASN A 284 -13.25 -7.80 7.12
C ASN A 284 -12.59 -7.41 5.79
N LYS A 285 -13.11 -6.40 5.09
CA LYS A 285 -12.47 -5.90 3.85
C LYS A 285 -11.49 -4.77 4.18
N ILE A 286 -11.48 -4.24 5.40
CA ILE A 286 -10.59 -3.11 5.78
C ILE A 286 -9.25 -3.68 6.22
N VAL A 287 -8.20 -3.25 5.54
CA VAL A 287 -6.81 -3.65 5.89
C VAL A 287 -6.16 -2.40 6.48
N LEU A 288 -5.64 -2.51 7.69
CA LEU A 288 -5.19 -1.32 8.44
C LEU A 288 -3.75 -0.99 8.03
N GLY A 289 -3.57 0.16 7.37
CA GLY A 289 -2.25 0.61 6.89
C GLY A 289 -1.38 1.09 8.03
N MET A 290 -0.10 0.74 8.00
CA MET A 290 0.88 1.11 9.04
C MET A 290 2.17 1.56 8.36
N PRO A 291 2.82 2.60 8.90
CA PRO A 291 4.02 3.16 8.29
C PRO A 291 5.31 2.47 8.73
N ILE A 292 6.20 2.19 7.78
CA ILE A 292 7.56 1.66 8.06
C ILE A 292 8.52 2.83 7.87
N TYR A 293 8.14 4.00 8.39
CA TYR A 293 8.94 5.24 8.31
C TYR A 293 8.48 6.17 9.42
N GLY A 294 9.31 7.16 9.73
CA GLY A 294 9.01 8.19 10.73
C GLY A 294 9.04 9.57 10.13
N ARG A 295 8.27 10.50 10.70
CA ARG A 295 8.23 11.92 10.25
C ARG A 295 8.94 12.76 11.31
N SER A 296 9.84 13.64 10.89
CA SER A 296 10.68 14.45 11.80
C SER A 296 10.18 15.90 11.83
N PHE A 297 10.33 16.55 12.99
CA PHE A 297 10.06 18.01 13.16
C PHE A 297 11.27 18.65 13.83
N GLN A 298 11.69 19.82 13.32
CA GLN A 298 12.89 20.47 13.90
C GLN A 298 12.49 21.64 14.79
N ASN A 299 13.42 22.02 15.68
CA ASN A 299 13.31 23.23 16.51
C ASN A 299 12.02 23.17 17.31
N THR A 300 11.77 22.05 17.97
CA THR A 300 10.52 21.81 18.72
C THR A 300 10.85 21.31 20.13
N ALA A 301 9.93 21.62 21.04
CA ALA A 301 9.97 21.25 22.47
C ALA A 301 9.45 19.82 22.66
N GLY A 302 8.47 19.39 21.86
CA GLY A 302 7.86 18.07 22.05
C GLY A 302 6.63 17.84 21.20
N ILE A 303 5.80 16.87 21.59
CA ILE A 303 4.61 16.45 20.81
C ILE A 303 3.45 17.45 21.04
N GLY A 304 2.78 17.84 19.95
CA GLY A 304 1.67 18.80 19.96
C GLY A 304 2.15 20.21 20.22
N GLN A 305 3.33 20.58 19.70
CA GLN A 305 3.97 21.90 19.95
C GLN A 305 4.48 22.51 18.65
N THR A 306 4.90 23.77 18.71
CA THR A 306 5.43 24.50 17.53
C THR A 306 6.76 23.89 17.10
N TYR A 307 7.06 24.02 15.82
CA TYR A 307 8.34 23.54 15.23
C TYR A 307 8.70 24.51 14.13
N ASN A 308 9.96 24.45 13.69
CA ASN A 308 10.43 25.20 12.50
C ASN A 308 11.14 24.20 11.58
N GLY A 309 10.45 23.76 10.52
CA GLY A 309 11.08 22.91 9.49
C GLY A 309 11.15 21.44 9.89
N VAL A 310 11.12 20.55 8.89
CA VAL A 310 11.13 19.08 9.11
C VAL A 310 12.55 18.55 8.97
N GLY A 311 13.44 19.34 8.38
CA GLY A 311 14.86 18.99 8.33
C GLY A 311 15.14 17.98 7.24
N SER A 312 16.14 17.14 7.43
CA SER A 312 16.59 16.16 6.43
C SER A 312 15.78 14.86 6.58
N GLY A 313 16.18 13.82 5.87
CA GLY A 313 15.53 12.50 5.89
C GLY A 313 16.46 11.43 5.38
N SER A 314 15.98 10.20 5.32
CA SER A 314 16.77 9.08 4.76
C SER A 314 16.98 9.34 3.27
N TRP A 315 15.90 9.68 2.58
CA TRP A 315 15.87 9.81 1.10
C TRP A 315 15.19 11.10 0.67
N GLU A 316 14.34 11.66 1.51
CA GLU A 316 13.61 12.91 1.18
C GLU A 316 13.32 13.66 2.48
N ALA A 317 13.12 14.97 2.37
CA ALA A 317 12.99 15.89 3.51
C ALA A 317 11.90 15.39 4.47
N GLY A 318 12.28 15.19 5.72
CA GLY A 318 11.37 15.00 6.88
C GLY A 318 10.91 13.58 7.05
N ILE A 319 11.50 12.62 6.32
CA ILE A 319 11.05 11.20 6.33
C ILE A 319 12.25 10.30 6.64
N TRP A 320 12.10 9.42 7.63
CA TRP A 320 13.19 8.51 8.05
C TRP A 320 12.76 7.05 7.91
N ASP A 321 13.57 6.24 7.23
CA ASP A 321 13.31 4.78 7.16
C ASP A 321 13.27 4.23 8.57
N TYR A 322 12.31 3.36 8.87
CA TYR A 322 12.20 2.66 10.17
C TYR A 322 13.53 1.99 10.54
N LYS A 323 14.24 1.39 9.59
CA LYS A 323 15.51 0.67 9.91
C LYS A 323 16.61 1.66 10.34
N ALA A 324 16.44 2.97 10.15
CA ALA A 324 17.39 4.02 10.61
C ALA A 324 16.98 4.56 11.98
N LEU A 325 15.92 4.02 12.58
CA LEU A 325 15.32 4.59 13.82
C LEU A 325 15.38 3.56 14.94
N PRO A 326 15.46 3.99 16.22
CA PRO A 326 15.68 5.40 16.58
C PRO A 326 17.15 5.77 16.36
N LYS A 327 17.41 7.03 16.04
CA LYS A 327 18.76 7.58 15.77
C LYS A 327 19.52 7.66 17.10
N ALA A 328 20.85 7.59 17.07
CA ALA A 328 21.69 7.77 18.28
C ALA A 328 21.43 9.17 18.86
N GLY A 329 21.27 9.26 20.19
CA GLY A 329 21.09 10.54 20.91
C GLY A 329 19.62 10.93 21.06
N ALA A 330 18.69 10.15 20.49
CA ALA A 330 17.23 10.36 20.64
C ALA A 330 16.68 9.30 21.59
N THR A 331 15.69 9.67 22.42
CA THR A 331 15.00 8.68 23.26
C THR A 331 13.57 8.51 22.76
N VAL A 332 13.01 7.31 22.92
CA VAL A 332 11.63 7.00 22.42
C VAL A 332 10.64 7.02 23.57
N GLN A 333 9.60 7.84 23.45
CA GLN A 333 8.55 7.91 24.50
C GLN A 333 7.23 7.45 23.88
N TYR A 334 6.32 7.00 24.75
CA TYR A 334 5.02 6.40 24.38
C TYR A 334 3.91 7.29 24.93
N ASP A 335 2.99 7.69 24.06
CA ASP A 335 1.71 8.30 24.45
C ASP A 335 0.72 7.14 24.56
N SER A 336 0.42 6.71 25.79
CA SER A 336 -0.41 5.50 26.06
C SER A 336 -1.90 5.81 25.91
N VAL A 337 -2.27 7.08 25.70
CA VAL A 337 -3.69 7.49 25.49
C VAL A 337 -3.94 7.53 23.96
N ALA A 338 -2.97 8.05 23.21
CA ALA A 338 -3.10 8.18 21.74
C ALA A 338 -2.63 6.88 21.07
N LYS A 339 -1.88 6.04 21.81
CA LYS A 339 -1.21 4.83 21.27
C LYS A 339 -0.29 5.26 20.13
N GLY A 340 0.79 5.97 20.46
CA GLY A 340 1.80 6.44 19.49
C GLY A 340 3.15 6.63 20.16
N TYR A 341 4.21 6.13 19.52
CA TYR A 341 5.62 6.29 19.96
C TYR A 341 6.28 7.43 19.18
N TYR A 342 7.26 8.09 19.79
CA TYR A 342 8.07 9.11 19.09
C TYR A 342 9.43 9.21 19.76
N SER A 343 10.43 9.64 19.00
CA SER A 343 11.78 9.90 19.53
C SER A 343 11.94 11.40 19.74
N TYR A 344 12.68 11.79 20.78
CA TYR A 344 13.06 13.21 21.00
C TYR A 344 14.57 13.27 21.28
N ASN A 345 15.20 14.26 20.67
CA ASN A 345 16.63 14.60 20.95
C ASN A 345 16.65 16.02 21.49
N SER A 346 16.74 16.12 22.81
CA SER A 346 16.78 17.41 23.55
C SER A 346 17.88 18.34 22.99
N ALA A 347 19.04 17.78 22.67
CA ALA A 347 20.23 18.52 22.19
C ALA A 347 19.95 19.13 20.82
N THR A 348 19.31 18.37 19.91
CA THR A 348 19.06 18.83 18.51
C THR A 348 17.64 19.35 18.34
N LYS A 349 16.78 19.20 19.36
CA LYS A 349 15.36 19.68 19.33
C LYS A 349 14.63 19.05 18.13
N GLU A 350 14.98 17.79 17.81
CA GLU A 350 14.37 17.01 16.68
C GLU A 350 13.44 15.95 17.27
N LEU A 351 12.20 15.92 16.78
CA LEU A 351 11.21 14.90 17.20
C LEU A 351 10.86 14.05 15.98
N ILE A 352 10.79 12.73 16.14
CA ILE A 352 10.38 11.78 15.05
C ILE A 352 9.28 10.83 15.53
N SER A 353 8.12 10.91 14.88
CA SER A 353 6.98 10.00 15.13
C SER A 353 7.14 8.78 14.23
N PHE A 354 7.13 7.56 14.78
CA PHE A 354 7.26 6.33 13.97
C PHE A 354 6.65 5.13 14.71
N ASP A 355 6.43 4.02 14.00
CA ASP A 355 5.84 2.79 14.57
C ASP A 355 6.95 1.82 15.00
N THR A 356 6.81 1.22 16.18
CA THR A 356 7.72 0.23 16.78
C THR A 356 7.07 -1.15 16.77
N PRO A 357 7.81 -2.27 17.01
CA PRO A 357 7.18 -3.58 17.09
C PRO A 357 6.04 -3.63 18.12
N ASP A 358 6.22 -2.99 19.28
CA ASP A 358 5.15 -2.96 20.31
C ASP A 358 3.91 -2.26 19.74
N MET A 359 4.10 -1.19 18.96
CA MET A 359 2.98 -0.45 18.32
C MET A 359 2.22 -1.41 17.39
N ILE A 360 2.95 -2.19 16.59
CA ILE A 360 2.33 -3.19 15.68
C ILE A 360 1.52 -4.19 16.51
N ASN A 361 2.07 -4.69 17.60
CA ASN A 361 1.32 -5.66 18.45
C ASN A 361 0.02 -5.00 18.93
N THR A 362 0.07 -3.74 19.34
CA THR A 362 -1.14 -3.03 19.82
C THR A 362 -2.14 -2.84 18.66
N LYS A 363 -1.64 -2.47 17.49
CA LYS A 363 -2.51 -2.21 16.31
C LYS A 363 -3.13 -3.51 15.82
N VAL A 364 -2.42 -4.63 15.90
CA VAL A 364 -3.00 -5.93 15.48
C VAL A 364 -4.07 -6.37 16.50
N ALA A 365 -3.82 -6.20 17.80
CA ALA A 365 -4.87 -6.52 18.81
C ALA A 365 -6.11 -5.68 18.50
N TYR A 366 -5.91 -4.40 18.19
CA TYR A 366 -6.99 -3.44 17.87
C TYR A 366 -7.78 -3.95 16.64
N LEU A 367 -7.08 -4.25 15.53
CA LEU A 367 -7.78 -4.60 14.27
C LEU A 367 -8.54 -5.91 14.45
N LYS A 368 -7.98 -6.89 15.16
CA LYS A 368 -8.65 -8.18 15.42
C LYS A 368 -9.91 -7.94 16.25
N SER A 369 -9.84 -7.03 17.23
CA SER A 369 -10.97 -6.69 18.11
C SER A 369 -12.15 -6.14 17.28
N LEU A 370 -11.89 -5.54 16.11
CA LEU A 370 -12.96 -4.93 15.26
C LEU A 370 -13.28 -5.81 14.05
N GLY A 371 -12.66 -6.98 13.94
CA GLY A 371 -12.92 -7.94 12.85
C GLY A 371 -12.42 -7.39 11.54
N LEU A 372 -11.31 -6.62 11.56
CA LEU A 372 -10.75 -6.08 10.29
C LEU A 372 -10.05 -7.21 9.52
N GLY A 373 -9.68 -6.92 8.28
CA GLY A 373 -9.17 -7.89 7.30
C GLY A 373 -7.70 -8.20 7.47
N GLY A 374 -6.96 -7.34 8.17
CA GLY A 374 -5.52 -7.55 8.40
C GLY A 374 -4.74 -6.26 8.40
N SER A 375 -3.45 -6.39 8.12
CA SER A 375 -2.43 -5.31 8.18
C SER A 375 -1.92 -4.99 6.78
N MET A 376 -1.63 -3.73 6.53
CA MET A 376 -0.94 -3.29 5.29
C MET A 376 0.24 -2.42 5.72
N PHE A 377 1.32 -2.41 4.93
CA PHE A 377 2.54 -1.65 5.27
C PHE A 377 2.99 -0.83 4.07
N TRP A 378 3.36 0.42 4.36
CA TRP A 378 4.08 1.31 3.40
C TRP A 378 5.42 1.67 4.02
N GLU A 379 6.56 1.20 3.47
CA GLU A 379 6.71 0.27 2.36
C GLU A 379 7.85 -0.70 2.69
N ALA A 380 8.10 -1.70 1.86
CA ALA A 380 8.91 -2.89 2.24
C ALA A 380 10.37 -2.50 2.52
N SER A 381 10.96 -1.58 1.76
CA SER A 381 12.44 -1.43 1.75
C SER A 381 12.95 -0.98 3.12
N ALA A 382 12.13 -0.24 3.87
CA ALA A 382 12.59 0.44 5.10
C ALA A 382 12.48 -0.47 6.33
N ASP A 383 12.01 -1.70 6.19
CA ASP A 383 11.78 -2.56 7.37
C ASP A 383 13.12 -3.05 7.92
N LYS A 384 13.18 -3.27 9.23
CA LYS A 384 14.30 -4.00 9.86
C LYS A 384 14.14 -5.50 9.58
N LYS A 385 15.22 -6.26 9.73
CA LYS A 385 15.22 -7.73 9.56
C LYS A 385 15.19 -8.40 10.93
N GLY A 386 14.56 -9.57 11.01
CA GLY A 386 14.57 -10.42 12.21
C GLY A 386 13.43 -10.06 13.13
N ALA A 387 13.63 -10.14 14.44
CA ALA A 387 12.58 -9.95 15.48
C ALA A 387 11.95 -8.55 15.37
N ASP A 388 12.77 -7.54 15.04
CA ASP A 388 12.39 -6.10 15.00
C ASP A 388 11.64 -5.74 13.70
N SER A 389 11.43 -6.69 12.79
CA SER A 389 10.65 -6.49 11.54
C SER A 389 9.21 -6.12 11.92
N LEU A 390 8.67 -4.99 11.44
CA LEU A 390 7.25 -4.64 11.67
C LEU A 390 6.38 -5.66 10.94
N ILE A 391 6.78 -6.05 9.73
CA ILE A 391 5.95 -6.98 8.92
C ILE A 391 5.95 -8.36 9.58
N GLY A 392 7.11 -8.80 10.07
CA GLY A 392 7.21 -10.08 10.78
C GLY A 392 6.47 -10.03 12.12
N THR A 393 6.52 -8.90 12.83
CA THR A 393 5.80 -8.71 14.12
C THR A 393 4.31 -8.88 13.85
N SER A 394 3.84 -8.30 12.75
CA SER A 394 2.41 -8.36 12.37
C SER A 394 2.03 -9.80 12.04
N HIS A 395 2.84 -10.49 11.23
CA HIS A 395 2.60 -11.90 10.85
C HIS A 395 2.37 -12.73 12.11
N ARG A 396 3.25 -12.58 13.11
CA ARG A 396 3.20 -13.38 14.36
C ARG A 396 2.00 -12.98 15.23
N ALA A 397 1.66 -11.69 15.27
CA ALA A 397 0.51 -11.18 16.08
C ALA A 397 -0.82 -11.54 15.41
N LEU A 398 -0.88 -11.55 14.08
CA LEU A 398 -2.12 -11.89 13.32
C LEU A 398 -2.54 -13.34 13.65
N GLY A 399 -1.57 -14.26 13.62
CA GLY A 399 -1.85 -15.67 13.94
C GLY A 399 -2.16 -16.45 12.67
N GLY A 400 -3.35 -16.29 12.11
CA GLY A 400 -3.81 -17.06 10.94
C GLY A 400 -3.94 -16.20 9.69
N LEU A 401 -3.00 -16.36 8.76
CA LEU A 401 -2.95 -15.55 7.51
C LEU A 401 -3.78 -16.20 6.41
N ASP A 402 -4.25 -15.37 5.49
CA ASP A 402 -4.84 -15.81 4.20
C ASP A 402 -3.87 -16.77 3.51
N THR A 403 -4.36 -17.95 3.11
CA THR A 403 -3.55 -18.95 2.39
C THR A 403 -4.11 -19.17 0.98
N THR A 404 -5.06 -18.34 0.55
N THR A 404 -5.05 -18.34 0.53
CA THR A 404 -5.64 -18.41 -0.83
CA THR A 404 -5.67 -18.47 -0.82
C THR A 404 -4.48 -18.50 -1.82
C THR A 404 -4.54 -18.47 -1.85
N GLN A 405 -4.53 -19.47 -2.72
CA GLN A 405 -3.43 -19.70 -3.68
C GLN A 405 -3.40 -18.59 -4.72
N ASN A 406 -2.19 -18.14 -5.09
CA ASN A 406 -1.99 -17.23 -6.25
C ASN A 406 -2.19 -17.99 -7.57
N LEU A 407 -2.08 -17.25 -8.68
CA LEU A 407 -2.17 -17.81 -10.05
C LEU A 407 -0.78 -17.87 -10.67
N LEU A 408 -0.42 -19.00 -11.29
CA LEU A 408 0.85 -19.14 -12.04
C LEU A 408 0.63 -19.33 -13.54
N SER A 409 -0.63 -19.40 -13.99
CA SER A 409 -1.03 -19.73 -15.37
C SER A 409 -1.45 -18.48 -16.15
N TYR A 410 -0.64 -18.05 -17.11
CA TYR A 410 -0.84 -16.80 -17.89
C TYR A 410 -0.68 -17.11 -19.38
N PRO A 411 -1.63 -17.89 -19.93
CA PRO A 411 -1.48 -18.40 -21.29
C PRO A 411 -1.61 -17.33 -22.37
N ASN A 412 -2.06 -16.14 -21.98
CA ASN A 412 -2.22 -14.98 -22.90
C ASN A 412 -1.16 -13.92 -22.61
N SER A 413 -0.13 -14.20 -21.79
CA SER A 413 0.97 -13.23 -21.60
C SER A 413 1.71 -13.08 -22.92
N LYS A 414 2.09 -11.86 -23.28
CA LYS A 414 2.94 -11.62 -24.46
C LYS A 414 4.39 -12.02 -24.18
N TYR A 415 4.73 -12.29 -22.92
CA TYR A 415 6.11 -12.68 -22.51
C TYR A 415 6.21 -14.21 -22.44
N ASP A 416 7.07 -14.80 -23.27
CA ASP A 416 7.15 -16.27 -23.39
C ASP A 416 7.57 -16.86 -22.04
N ASN A 417 8.46 -16.20 -21.29
CA ASN A 417 8.93 -16.80 -19.99
C ASN A 417 7.76 -16.79 -18.98
N ILE A 418 6.94 -15.74 -18.95
CA ILE A 418 5.77 -15.68 -18.03
C ILE A 418 4.72 -16.72 -18.46
N LYS A 419 4.43 -16.81 -19.75
CA LYS A 419 3.48 -17.80 -20.28
C LYS A 419 3.95 -19.21 -19.92
N ASN A 420 5.26 -19.45 -19.88
CA ASN A 420 5.84 -20.78 -19.58
C ASN A 420 6.09 -20.93 -18.07
N GLY A 421 5.65 -19.98 -17.23
CA GLY A 421 5.80 -20.07 -15.77
C GLY A 421 7.25 -20.11 -15.31
N LEU A 422 8.17 -19.52 -16.07
CA LEU A 422 9.65 -19.54 -15.87
C LEU A 422 10.15 -20.97 -15.76
N ASN A 423 9.44 -21.95 -16.33
CA ASN A 423 9.87 -23.36 -16.46
C ASN A 423 10.53 -23.54 -17.83
#